data_6HS9
#
_entry.id   6HS9
#
_cell.length_a   79.550
_cell.length_b   79.550
_cell.length_c   72.280
_cell.angle_alpha   90.000
_cell.angle_beta   90.000
_cell.angle_gamma   120.000
#
_symmetry.space_group_name_H-M   'H 3'
#
loop_
_entity.id
_entity.type
_entity.pdbx_description
1 polymer '3-dehydroquinate dehydratase'
2 non-polymer '(4S,5R)-4,5-dihydroxy-3-oxocyclohex-1-ene-1-carboxylic acid'
3 water water
#
_entity_poly.entity_id   1
_entity_poly.type   'polypeptide(L)'
_entity_poly.pdbx_seq_one_letter_code
;GSHMKILVINGPNLNFLGIREKNIYGNENYEYLVNMINEYCKSKNIEVECYQSNHEGAIIDKIQEAYFNGTDGIVINPGA
YTHYSYAIRDALASVSHIKKIEVHISNVNEREEFRHISVTEPVCNGQIVGQGLKGYIMAIDMLNS
;
_entity_poly.pdbx_strand_id   A
#
# COMPACT_ATOMS: atom_id res chain seq x y z
N GLY A 1 -0.88 -20.68 -2.50
CA GLY A 1 -0.58 -21.65 -1.40
C GLY A 1 -1.84 -22.03 -0.63
N SER A 2 -1.58 -22.48 0.61
CA SER A 2 -2.65 -22.88 1.50
C SER A 2 -3.40 -21.66 2.06
N HIS A 3 -2.76 -20.48 2.09
CA HIS A 3 -3.39 -19.23 2.47
C HIS A 3 -2.99 -18.09 1.51
N MET A 4 -3.84 -17.07 1.38
CA MET A 4 -3.48 -15.93 0.56
C MET A 4 -2.28 -15.22 1.23
N LYS A 5 -1.34 -14.76 0.39
CA LYS A 5 -0.12 -14.06 0.80
C LYS A 5 -0.17 -12.67 0.22
N ILE A 6 -0.15 -11.68 1.14
CA ILE A 6 -0.23 -10.26 0.77
C ILE A 6 1.03 -9.58 1.28
N LEU A 7 1.51 -8.68 0.47
CA LEU A 7 2.55 -7.74 0.81
C LEU A 7 1.97 -6.32 0.88
N VAL A 8 2.17 -5.63 2.01
CA VAL A 8 1.79 -4.24 2.12
C VAL A 8 3.06 -3.42 2.02
N ILE A 9 3.14 -2.55 1.02
CA ILE A 9 4.27 -1.64 0.84
C ILE A 9 3.83 -0.23 1.19
N ASN A 10 4.54 0.41 2.11
CA ASN A 10 4.40 1.82 2.38
C ASN A 10 5.65 2.52 1.92
N GLY A 11 5.47 3.64 1.21
CA GLY A 11 6.55 4.38 0.63
C GLY A 11 7.08 5.49 1.55
N PRO A 12 7.73 6.47 0.94
CA PRO A 12 8.52 7.40 1.74
C PRO A 12 7.64 8.19 2.67
N ASN A 13 8.22 8.43 3.86
CA ASN A 13 7.61 9.25 4.90
C ASN A 13 6.51 8.55 5.67
N LEU A 14 6.05 7.37 5.23
CA LEU A 14 4.95 6.74 5.92
C LEU A 14 5.34 6.17 7.26
N ASN A 15 6.65 5.90 7.46
CA ASN A 15 7.07 5.53 8.80
C ASN A 15 6.96 6.68 9.78
N PHE A 16 6.70 7.90 9.34
CA PHE A 16 6.48 9.06 10.19
C PHE A 16 5.03 9.38 10.42
N LEU A 17 4.13 8.42 10.14
CA LEU A 17 2.75 8.60 10.58
C LEU A 17 2.73 8.85 12.07
N GLY A 18 1.86 9.79 12.49
CA GLY A 18 1.75 10.20 13.90
C GLY A 18 2.68 11.32 14.31
N ILE A 19 3.73 11.52 13.56
CA ILE A 19 4.66 12.63 13.75
C ILE A 19 4.31 13.66 12.68
N ARG A 20 4.16 13.24 11.43
CA ARG A 20 4.02 14.16 10.33
C ARG A 20 2.57 14.65 10.29
N GLU A 21 2.42 15.93 9.91
CA GLU A 21 1.19 16.52 9.47
C GLU A 21 -0.07 15.80 9.98
N LYS A 22 -0.32 15.92 11.26
CA LYS A 22 -1.35 15.15 11.96
CA LYS A 22 -1.35 15.14 11.96
C LYS A 22 -2.79 15.44 11.54
N ASN A 23 -3.07 16.65 11.13
CA ASN A 23 -4.37 17.04 10.61
C ASN A 23 -4.73 16.33 9.29
N ILE A 24 -3.71 15.89 8.55
CA ILE A 24 -3.87 15.22 7.26
C ILE A 24 -3.83 13.70 7.41
N TYR A 25 -2.83 13.18 8.14
CA TYR A 25 -2.54 11.75 8.12
C TYR A 25 -3.03 11.02 9.37
N GLY A 26 -3.52 11.74 10.37
CA GLY A 26 -4.05 11.14 11.57
C GLY A 26 -3.05 11.12 12.73
N ASN A 27 -3.58 10.75 13.90
CA ASN A 27 -2.80 10.77 15.14
C ASN A 27 -2.07 9.47 15.42
N GLU A 28 -2.45 8.36 14.76
CA GLU A 28 -1.85 7.08 15.06
C GLU A 28 -0.56 6.89 14.27
N ASN A 29 0.36 6.12 14.84
CA ASN A 29 1.70 5.99 14.31
C ASN A 29 1.81 4.77 13.40
N TYR A 30 2.99 4.66 12.79
CA TYR A 30 3.21 3.57 11.86
C TYR A 30 3.12 2.21 12.54
N GLU A 31 3.67 2.08 13.77
CA GLU A 31 3.57 0.80 14.47
C GLU A 31 2.10 0.42 14.68
N TYR A 32 1.24 1.40 14.97
CA TYR A 32 -0.19 1.16 15.12
C TYR A 32 -0.77 0.61 13.83
N LEU A 33 -0.40 1.17 12.70
CA LEU A 33 -0.88 0.72 11.42
C LEU A 33 -0.46 -0.74 11.15
N VAL A 34 0.82 -1.04 11.38
CA VAL A 34 1.34 -2.38 11.15
C VAL A 34 0.57 -3.35 12.02
N ASN A 35 0.38 -3.01 13.30
CA ASN A 35 -0.30 -3.91 14.23
CA ASN A 35 -0.29 -3.92 14.21
C ASN A 35 -1.74 -4.16 13.74
N MET A 36 -2.41 -3.10 13.32
CA MET A 36 -3.77 -3.18 12.85
CA MET A 36 -3.78 -3.26 12.92
C MET A 36 -3.89 -4.16 11.67
N ILE A 37 -2.99 -3.99 10.72
CA ILE A 37 -2.95 -4.88 9.57
C ILE A 37 -2.66 -6.32 9.98
N ASN A 38 -1.63 -6.51 10.81
CA ASN A 38 -1.29 -7.86 11.23
C ASN A 38 -2.46 -8.54 11.93
N GLU A 39 -3.12 -7.82 12.85
CA GLU A 39 -4.22 -8.45 13.61
C GLU A 39 -5.40 -8.75 12.67
N TYR A 40 -5.68 -7.88 11.71
CA TYR A 40 -6.78 -8.14 10.80
C TYR A 40 -6.49 -9.37 9.92
N CYS A 41 -5.27 -9.42 9.36
CA CYS A 41 -4.90 -10.54 8.54
C CYS A 41 -4.91 -11.85 9.35
N LYS A 42 -4.43 -11.83 10.60
CA LYS A 42 -4.45 -13.03 11.42
C LYS A 42 -5.89 -13.53 11.51
N SER A 43 -6.85 -12.60 11.67
CA SER A 43 -8.26 -12.96 11.89
C SER A 43 -8.91 -13.55 10.63
N LYS A 44 -8.32 -13.28 9.46
CA LYS A 44 -8.80 -13.74 8.15
C LYS A 44 -7.95 -14.91 7.61
N ASN A 45 -6.99 -15.41 8.37
CA ASN A 45 -6.07 -16.43 7.88
CA ASN A 45 -6.07 -16.43 7.89
C ASN A 45 -5.36 -15.96 6.61
N ILE A 46 -4.91 -14.72 6.60
CA ILE A 46 -4.09 -14.16 5.51
C ILE A 46 -2.68 -13.97 6.02
N GLU A 47 -1.70 -14.46 5.23
CA GLU A 47 -0.29 -14.19 5.53
C GLU A 47 0.04 -12.80 5.02
N VAL A 48 0.63 -11.95 5.88
CA VAL A 48 0.94 -10.59 5.45
C VAL A 48 2.34 -10.23 5.91
N GLU A 49 2.96 -9.38 5.09
CA GLU A 49 4.21 -8.71 5.47
C GLU A 49 3.99 -7.22 5.25
N CYS A 50 4.34 -6.40 6.24
CA CYS A 50 4.32 -4.97 6.07
C CYS A 50 5.76 -4.51 5.88
N TYR A 51 6.00 -3.79 4.81
CA TYR A 51 7.30 -3.26 4.44
C TYR A 51 7.22 -1.76 4.22
N GLN A 52 8.23 -1.03 4.66
CA GLN A 52 8.26 0.40 4.37
C GLN A 52 9.66 0.77 3.96
N SER A 53 9.78 1.69 3.00
CA SER A 53 11.08 2.26 2.66
C SER A 53 10.88 3.65 2.08
N ASN A 54 11.89 4.48 2.30
CA ASN A 54 11.91 5.78 1.66
C ASN A 54 12.57 5.74 0.27
N HIS A 55 13.12 4.59 -0.14
CA HIS A 55 13.90 4.50 -1.35
C HIS A 55 13.03 3.94 -2.50
N GLU A 56 12.96 4.67 -3.59
CA GLU A 56 12.22 4.25 -4.77
C GLU A 56 12.71 2.88 -5.25
N GLY A 57 14.05 2.74 -5.34
CA GLY A 57 14.61 1.49 -5.85
C GLY A 57 14.34 0.30 -4.95
N ALA A 58 14.29 0.54 -3.62
CA ALA A 58 14.01 -0.53 -2.71
C ALA A 58 12.57 -1.00 -2.85
N ILE A 59 11.63 -0.09 -3.05
CA ILE A 59 10.26 -0.43 -3.34
C ILE A 59 10.20 -1.34 -4.57
N ILE A 60 10.91 -0.93 -5.66
CA ILE A 60 10.94 -1.73 -6.85
C ILE A 60 11.53 -3.09 -6.58
N ASP A 61 12.65 -3.12 -5.85
CA ASP A 61 13.24 -4.42 -5.48
C ASP A 61 12.21 -5.31 -4.78
N LYS A 62 11.44 -4.72 -3.84
CA LYS A 62 10.51 -5.52 -3.06
C LYS A 62 9.35 -6.05 -3.94
N ILE A 63 8.90 -5.25 -4.89
CA ILE A 63 7.88 -5.71 -5.84
C ILE A 63 8.45 -6.86 -6.66
N GLN A 64 9.69 -6.75 -7.11
CA GLN A 64 10.30 -7.84 -7.87
C GLN A 64 10.42 -9.09 -7.02
N GLU A 65 10.83 -8.95 -5.75
CA GLU A 65 10.95 -10.12 -4.93
CA GLU A 65 10.92 -10.08 -4.82
C GLU A 65 9.60 -10.85 -4.79
N ALA A 66 8.49 -10.09 -4.77
CA ALA A 66 7.17 -10.65 -4.65
C ALA A 66 6.83 -11.57 -5.82
N TYR A 67 7.39 -11.33 -6.99
CA TYR A 67 7.24 -12.22 -8.13
C TYR A 67 7.71 -13.62 -7.81
N PHE A 68 8.83 -13.75 -7.15
CA PHE A 68 9.48 -15.05 -6.94
C PHE A 68 8.98 -15.81 -5.71
N ASN A 69 8.29 -15.16 -4.78
CA ASN A 69 8.04 -15.72 -3.48
C ASN A 69 6.58 -16.07 -3.23
N GLY A 70 5.80 -16.14 -4.24
CA GLY A 70 4.44 -16.58 -4.16
C GLY A 70 3.45 -15.59 -3.62
N THR A 71 3.82 -14.31 -3.68
CA THR A 71 2.89 -13.26 -3.28
C THR A 71 1.68 -13.23 -4.21
N ASP A 72 0.47 -13.17 -3.63
CA ASP A 72 -0.75 -13.11 -4.39
C ASP A 72 -1.24 -11.70 -4.65
N GLY A 73 -1.02 -10.81 -3.67
CA GLY A 73 -1.54 -9.49 -3.76
C GLY A 73 -0.60 -8.52 -3.09
N ILE A 74 -0.63 -7.26 -3.61
CA ILE A 74 0.12 -6.16 -3.04
C ILE A 74 -0.83 -5.03 -2.72
N VAL A 75 -0.75 -4.50 -1.52
CA VAL A 75 -1.38 -3.23 -1.16
C VAL A 75 -0.24 -2.23 -1.12
N ILE A 76 -0.32 -1.15 -1.88
CA ILE A 76 0.79 -0.20 -1.92
C ILE A 76 0.29 1.23 -1.75
N ASN A 77 0.90 1.91 -0.78
CA ASN A 77 0.77 3.36 -0.66
C ASN A 77 2.16 3.89 -1.04
N PRO A 78 2.35 4.39 -2.27
CA PRO A 78 3.64 4.86 -2.70
C PRO A 78 4.09 6.16 -2.08
N GLY A 79 3.26 6.75 -1.23
CA GLY A 79 3.61 8.06 -0.71
C GLY A 79 3.72 9.06 -1.86
N ALA A 80 4.63 10.03 -1.72
CA ALA A 80 4.72 11.05 -2.74
C ALA A 80 5.16 10.49 -4.07
N TYR A 81 5.80 9.31 -4.11
CA TYR A 81 6.16 8.70 -5.38
C TYR A 81 4.98 8.43 -6.25
N THR A 82 3.76 8.35 -5.69
CA THR A 82 2.55 8.20 -6.47
C THR A 82 2.50 9.18 -7.62
N HIS A 83 2.96 10.43 -7.36
CA HIS A 83 2.73 11.49 -8.31
C HIS A 83 3.75 11.57 -9.42
N TYR A 84 4.84 10.81 -9.35
CA TYR A 84 5.90 10.98 -10.33
C TYR A 84 6.70 9.71 -10.64
N SER A 85 6.63 8.65 -9.85
CA SER A 85 7.52 7.50 -10.10
C SER A 85 7.00 6.56 -11.20
N TYR A 86 7.35 6.88 -12.44
CA TYR A 86 7.09 5.96 -13.52
C TYR A 86 7.87 4.64 -13.32
N ALA A 87 8.97 4.70 -12.56
CA ALA A 87 9.72 3.44 -12.31
C ALA A 87 8.92 2.48 -11.45
N ILE A 88 8.25 3.00 -10.39
CA ILE A 88 7.39 2.10 -9.60
C ILE A 88 6.18 1.65 -10.43
N ARG A 89 5.62 2.54 -11.27
CA ARG A 89 4.57 2.12 -12.17
C ARG A 89 5.00 0.91 -12.99
N ASP A 90 6.16 1.02 -13.64
CA ASP A 90 6.65 -0.08 -14.47
C ASP A 90 6.89 -1.33 -13.68
N ALA A 91 7.35 -1.19 -12.43
CA ALA A 91 7.54 -2.37 -11.58
C ALA A 91 6.21 -3.07 -11.32
N LEU A 92 5.19 -2.30 -10.96
CA LEU A 92 3.86 -2.88 -10.74
C LEU A 92 3.34 -3.54 -12.01
N ALA A 93 3.59 -2.94 -13.16
CA ALA A 93 3.13 -3.51 -14.42
C ALA A 93 3.89 -4.80 -14.75
N SER A 94 5.11 -4.95 -14.26
CA SER A 94 5.95 -6.12 -14.57
C SER A 94 5.49 -7.39 -13.88
N VAL A 95 4.65 -7.28 -12.83
CA VAL A 95 4.19 -8.41 -12.08
C VAL A 95 2.70 -8.63 -12.40
N SER A 96 2.45 -9.16 -13.58
CA SER A 96 1.13 -9.23 -14.15
C SER A 96 0.22 -10.22 -13.43
N HIS A 97 0.78 -11.15 -12.67
CA HIS A 97 -0.02 -12.14 -11.99
C HIS A 97 -0.26 -11.81 -10.51
N ILE A 98 0.15 -10.63 -10.09
CA ILE A 98 -0.04 -10.19 -8.72
C ILE A 98 -1.09 -9.10 -8.77
N LYS A 99 -2.18 -9.28 -8.01
CA LYS A 99 -3.21 -8.27 -7.88
CA LYS A 99 -3.17 -8.23 -7.93
C LYS A 99 -2.67 -7.11 -7.04
N LYS A 100 -2.97 -5.85 -7.43
CA LYS A 100 -2.41 -4.69 -6.76
C LYS A 100 -3.49 -3.67 -6.45
N ILE A 101 -3.51 -3.18 -5.23
CA ILE A 101 -4.41 -2.13 -4.83
C ILE A 101 -3.59 -0.96 -4.30
N GLU A 102 -3.82 0.25 -4.86
CA GLU A 102 -3.18 1.45 -4.36
C GLU A 102 -4.01 2.08 -3.25
N VAL A 103 -3.35 2.53 -2.18
CA VAL A 103 -4.03 3.16 -1.06
C VAL A 103 -3.43 4.53 -0.78
N HIS A 104 -4.32 5.49 -0.50
CA HIS A 104 -3.93 6.76 0.07
C HIS A 104 -4.76 7.01 1.31
N ILE A 105 -4.11 7.45 2.37
CA ILE A 105 -4.77 7.77 3.64
C ILE A 105 -5.70 8.96 3.51
N SER A 106 -5.16 10.01 2.90
CA SER A 106 -5.82 11.27 2.76
C SER A 106 -6.63 11.32 1.46
N ASN A 107 -7.55 12.29 1.39
CA ASN A 107 -8.28 12.51 0.15
C ASN A 107 -7.42 13.35 -0.80
N VAL A 108 -6.57 12.66 -1.56
CA VAL A 108 -5.66 13.33 -2.48
C VAL A 108 -6.34 14.16 -3.53
N ASN A 109 -7.63 13.90 -3.78
CA ASN A 109 -8.38 14.66 -4.77
C ASN A 109 -8.63 16.08 -4.30
N GLU A 110 -8.51 16.36 -3.00
CA GLU A 110 -8.88 17.64 -2.44
C GLU A 110 -7.70 18.29 -1.76
N ARG A 111 -6.50 17.97 -2.16
CA ARG A 111 -5.30 18.57 -1.61
C ARG A 111 -4.65 19.45 -2.68
N GLU A 112 -3.31 19.61 -2.65
CA GLU A 112 -2.58 20.40 -3.64
C GLU A 112 -2.79 19.77 -5.03
N GLU A 113 -2.69 20.58 -6.08
CA GLU A 113 -2.89 20.10 -7.41
C GLU A 113 -1.93 18.96 -7.77
N PHE A 114 -0.70 18.96 -7.32
CA PHE A 114 0.21 17.93 -7.75
C PHE A 114 -0.18 16.58 -7.17
N ARG A 115 -1.01 16.56 -6.13
CA ARG A 115 -1.38 15.30 -5.55
C ARG A 115 -2.59 14.66 -6.24
N HIS A 116 -3.21 15.35 -7.19
CA HIS A 116 -4.41 14.90 -7.85
C HIS A 116 -4.15 13.79 -8.82
N ILE A 117 -2.94 13.64 -9.31
CA ILE A 117 -2.73 12.58 -10.32
C ILE A 117 -1.74 11.55 -9.73
N SER A 118 -2.07 10.32 -10.02
CA SER A 118 -1.28 9.15 -9.69
C SER A 118 -0.77 8.54 -10.99
N VAL A 119 0.54 8.40 -11.12
CA VAL A 119 1.12 7.70 -12.24
C VAL A 119 1.19 6.23 -12.02
N THR A 120 0.97 5.74 -10.79
CA THR A 120 0.98 4.33 -10.49
C THR A 120 -0.42 3.70 -10.63
N GLU A 121 -1.45 4.47 -10.34
CA GLU A 121 -2.78 3.90 -10.33
C GLU A 121 -3.18 3.21 -11.64
N PRO A 122 -2.80 3.69 -12.83
CA PRO A 122 -3.31 3.07 -14.05
C PRO A 122 -2.92 1.62 -14.24
N VAL A 123 -1.89 1.16 -13.54
CA VAL A 123 -1.47 -0.21 -13.68
C VAL A 123 -1.89 -1.05 -12.48
N CYS A 124 -2.64 -0.46 -11.53
CA CYS A 124 -3.15 -1.22 -10.40
C CYS A 124 -4.55 -1.75 -10.71
N ASN A 125 -4.93 -2.77 -9.97
CA ASN A 125 -6.23 -3.39 -10.15
C ASN A 125 -7.29 -2.61 -9.40
N GLY A 126 -6.95 -1.77 -8.45
CA GLY A 126 -7.89 -0.95 -7.76
C GLY A 126 -7.17 0.12 -6.93
N GLN A 127 -8.04 0.79 -6.22
N GLN A 127 -7.87 1.28 -6.61
CA GLN A 127 -7.52 1.82 -5.37
CA GLN A 127 -7.35 2.43 -5.80
C GLN A 127 -8.54 2.16 -4.31
C GLN A 127 -8.38 2.87 -4.72
N ILE A 128 -7.96 2.80 -3.29
N ILE A 128 -8.02 2.94 -3.39
CA ILE A 128 -8.74 3.44 -2.27
CA ILE A 128 -8.93 3.37 -2.30
C ILE A 128 -8.10 4.73 -1.87
C ILE A 128 -8.24 4.53 -1.58
N VAL A 129 -8.91 5.72 -1.58
CA VAL A 129 -8.39 6.95 -1.07
C VAL A 129 -9.31 7.54 0.00
N GLY A 130 -8.72 8.34 0.87
CA GLY A 130 -9.53 9.20 1.70
C GLY A 130 -10.29 8.52 2.82
N GLN A 131 -9.89 7.31 3.21
CA GLN A 131 -10.56 6.57 4.24
C GLN A 131 -9.73 6.45 5.50
N GLY A 132 -8.63 7.16 5.60
CA GLY A 132 -7.78 7.01 6.77
C GLY A 132 -7.08 5.65 6.75
N LEU A 133 -6.62 5.20 7.93
CA LEU A 133 -5.91 3.92 7.98
C LEU A 133 -6.80 2.76 7.60
N LYS A 134 -8.14 2.89 7.76
CA LYS A 134 -9.04 1.85 7.38
C LYS A 134 -8.93 1.52 5.90
N GLY A 135 -8.41 2.44 5.06
CA GLY A 135 -8.24 2.11 3.65
C GLY A 135 -7.36 0.88 3.45
N TYR A 136 -6.37 0.67 4.30
CA TYR A 136 -5.52 -0.51 4.16
C TYR A 136 -6.34 -1.81 4.32
N ILE A 137 -7.26 -1.79 5.30
CA ILE A 137 -8.13 -2.93 5.55
C ILE A 137 -9.09 -3.13 4.38
N MET A 138 -9.63 -2.04 3.86
CA MET A 138 -10.47 -2.12 2.69
C MET A 138 -9.72 -2.70 1.49
N ALA A 139 -8.46 -2.32 1.33
CA ALA A 139 -7.65 -2.87 0.24
C ALA A 139 -7.43 -4.37 0.42
N ILE A 140 -7.13 -4.79 1.64
CA ILE A 140 -6.99 -6.23 1.91
C ILE A 140 -8.27 -6.97 1.53
N ASP A 141 -9.40 -6.39 1.90
CA ASP A 141 -10.70 -7.00 1.56
C ASP A 141 -10.85 -7.10 0.04
N MET A 142 -10.44 -6.08 -0.72
CA MET A 142 -10.53 -6.11 -2.17
CA MET A 142 -10.59 -6.13 -2.16
C MET A 142 -9.72 -7.29 -2.70
N LEU A 143 -8.53 -7.50 -2.15
CA LEU A 143 -7.67 -8.57 -2.61
C LEU A 143 -8.24 -9.95 -2.22
N ASN A 144 -8.86 -10.04 -1.05
CA ASN A 144 -9.39 -11.29 -0.49
C ASN A 144 -10.81 -11.59 -0.98
N SER A 145 -11.28 -10.83 -1.97
CA SER A 145 -12.50 -11.02 -2.75
C SER A 145 -12.24 -11.98 -3.93
#